data_4X57
#
_entry.id   4X57
#
_cell.length_a   135.716
_cell.length_b   135.716
_cell.length_c   202.134
_cell.angle_alpha   90.00
_cell.angle_beta   90.00
_cell.angle_gamma   120.00
#
_symmetry.space_group_name_H-M   'P 63 2 2'
#
loop_
_entity.id
_entity.type
_entity.pdbx_description
1 polymer 'Ubiquitin-conjugating enzyme E2 8'
2 polymer 'Membrane-anchored ubiquitin-fold protein 3'
3 non-polymer 'SULFATE ION'
#
loop_
_entity_poly.entity_id
_entity_poly.type
_entity_poly.pdbx_seq_one_letter_code
_entity_poly.pdbx_strand_id
1 'polypeptide(L)'
;MGSSHHHHHHGTGSYITSLYKKAGSAAAPFTMASKRILKELKDLQKDPPTSCSAGPVAEDMFHWQATIMGPAESPYSGGV
FLVTIHFPPDYPFKPPKVAFRTKVFHPNINSNGSICLDILKEQWSPALTISKVLLSICSLLTDPNPDDPLVPEIAHMYKT
DRAKYEATARNWTQKYAMG
;
A,C
2 'polypeptide(L)'
;MGSSHHHHHHSSGLVPRGSHMPEEESIDIKFRLYDGSDIGPFRYSAASTVDFLKQRVVSDWPKGKTVVPKGINEVKLISS
GKILENNKTVGQCKTPFGDIAGGVIVMHVVVQPSLAKSKTEKKVDKAPKAVICTCTIL
;
B,D
#
loop_
_chem_comp.id
_chem_comp.type
_chem_comp.name
_chem_comp.formula
SO4 non-polymer 'SULFATE ION' 'O4 S -2'
#
# COMPACT_ATOMS: atom_id res chain seq x y z
N THR A 31 -21.81 20.65 -29.43
CA THR A 31 -20.55 20.04 -28.89
C THR A 31 -19.25 20.55 -29.58
N MET A 32 -19.17 21.84 -29.91
CA MET A 32 -17.88 22.50 -30.05
C MET A 32 -17.23 22.54 -28.67
N ALA A 33 -18.03 22.78 -27.64
CA ALA A 33 -17.51 22.86 -26.30
C ALA A 33 -16.85 21.55 -25.93
N SER A 34 -17.60 20.45 -25.98
CA SER A 34 -17.03 19.12 -25.71
C SER A 34 -15.73 18.87 -26.46
N LYS A 35 -15.73 19.10 -27.75
CA LYS A 35 -14.58 18.78 -28.56
C LYS A 35 -13.36 19.55 -28.07
N ARG A 36 -13.55 20.85 -27.86
CA ARG A 36 -12.48 21.74 -27.41
C ARG A 36 -11.98 21.42 -25.99
N ILE A 37 -12.92 21.13 -25.10
CA ILE A 37 -12.55 20.65 -23.77
C ILE A 37 -11.74 19.38 -23.87
N LEU A 38 -12.14 18.50 -24.78
CA LEU A 38 -11.50 17.23 -24.91
C LEU A 38 -10.11 17.48 -25.40
N LYS A 39 -9.98 18.37 -26.37
CA LYS A 39 -8.65 18.75 -26.89
C LYS A 39 -7.79 19.30 -25.74
N GLU A 40 -8.37 20.12 -24.87
CA GLU A 40 -7.57 20.75 -23.85
C GLU A 40 -7.09 19.68 -22.89
N LEU A 41 -7.96 18.71 -22.58
CA LEU A 41 -7.56 17.55 -21.76
C LEU A 41 -6.42 16.77 -22.40
N LYS A 42 -6.53 16.51 -23.70
CA LYS A 42 -5.57 15.70 -24.38
C LYS A 42 -4.21 16.39 -24.28
N ASP A 43 -4.16 17.66 -24.65
CA ASP A 43 -2.91 18.43 -24.56
C ASP A 43 -2.36 18.49 -23.13
N LEU A 44 -3.26 18.69 -22.18
CA LEU A 44 -2.83 18.77 -20.81
C LEU A 44 -2.19 17.45 -20.37
N GLN A 45 -2.86 16.34 -20.65
CA GLN A 45 -2.39 15.01 -20.27
C GLN A 45 -1.08 14.62 -20.93
N LYS A 46 -0.85 15.10 -22.15
CA LYS A 46 0.43 14.90 -22.83
C LYS A 46 1.54 15.64 -22.09
N ASP A 47 1.30 16.91 -21.77
CA ASP A 47 2.29 17.73 -21.12
C ASP A 47 1.65 18.74 -20.18
N PRO A 48 1.37 18.32 -18.95
CA PRO A 48 0.69 19.19 -18.00
C PRO A 48 1.61 20.30 -17.52
N PRO A 49 1.05 21.44 -17.17
CA PRO A 49 1.86 22.44 -16.54
C PRO A 49 2.48 21.84 -15.30
N THR A 50 3.72 22.25 -14.95
CA THR A 50 4.37 21.54 -13.87
C THR A 50 3.64 21.83 -12.55
N SER A 51 3.07 23.01 -12.41
CA SER A 51 2.42 23.42 -11.15
C SER A 51 0.96 23.03 -10.93
N CYS A 52 0.35 22.33 -11.89
CA CYS A 52 -1.05 21.94 -11.72
C CYS A 52 -1.46 20.66 -12.41
N SER A 53 -2.53 20.09 -11.87
CA SER A 53 -3.09 18.83 -12.31
C SER A 53 -4.61 18.98 -12.38
N ALA A 54 -5.22 18.50 -13.45
CA ALA A 54 -6.68 18.58 -13.54
C ALA A 54 -7.21 17.52 -14.48
N GLY A 55 -8.37 17.00 -14.11
CA GLY A 55 -9.18 16.25 -15.04
C GLY A 55 -10.63 16.29 -14.62
N PRO A 56 -11.47 15.72 -15.46
CA PRO A 56 -12.88 15.49 -15.14
C PRO A 56 -13.02 14.60 -13.93
N VAL A 57 -14.01 14.93 -13.09
CA VAL A 57 -14.20 14.22 -11.84
C VAL A 57 -14.68 12.81 -12.08
N ALA A 58 -15.73 12.70 -12.89
CA ALA A 58 -16.32 11.39 -13.23
C ALA A 58 -16.62 11.31 -14.73
N GLU A 59 -17.90 11.34 -15.12
CA GLU A 59 -18.25 11.29 -16.55
C GLU A 59 -18.79 12.57 -17.16
N ASP A 60 -19.19 13.52 -16.32
CA ASP A 60 -19.50 14.88 -16.79
C ASP A 60 -18.19 15.55 -17.05
N MET A 61 -17.93 15.84 -18.32
CA MET A 61 -16.65 16.36 -18.72
C MET A 61 -16.61 17.91 -18.70
N PHE A 62 -17.75 18.51 -18.41
CA PHE A 62 -17.78 19.91 -18.05
C PHE A 62 -17.41 20.13 -16.58
N HIS A 63 -17.29 19.06 -15.79
CA HIS A 63 -16.97 19.21 -14.36
C HIS A 63 -15.63 18.56 -14.02
N TRP A 64 -14.59 19.38 -13.86
CA TRP A 64 -13.24 18.90 -13.57
C TRP A 64 -12.95 19.25 -12.16
N GLN A 65 -11.89 18.67 -11.62
CA GLN A 65 -11.30 19.14 -10.40
C GLN A 65 -9.82 19.24 -10.70
N ALA A 66 -9.11 20.00 -9.87
CA ALA A 66 -7.71 20.29 -10.13
C ALA A 66 -7.02 20.62 -8.84
N THR A 67 -5.70 20.58 -8.86
CA THR A 67 -4.88 20.98 -7.72
C THR A 67 -3.86 21.98 -8.18
N ILE A 68 -3.66 23.01 -7.37
CA ILE A 68 -2.62 23.98 -7.63
C ILE A 68 -1.56 23.75 -6.57
N MET A 69 -0.32 23.64 -7.03
CA MET A 69 0.80 23.54 -6.12
C MET A 69 1.34 24.95 -5.87
N GLY A 70 1.11 25.43 -4.66
CA GLY A 70 1.67 26.70 -4.21
C GLY A 70 3.12 26.86 -4.59
N PRO A 71 3.43 27.90 -5.34
CA PRO A 71 4.75 28.13 -5.89
C PRO A 71 5.80 28.46 -4.83
N ALA A 72 7.02 28.09 -5.16
CA ALA A 72 8.17 28.36 -4.32
C ALA A 72 8.30 29.83 -4.02
N GLU A 73 7.91 30.68 -4.97
CA GLU A 73 8.17 32.09 -4.80
C GLU A 73 6.96 32.80 -4.26
N SER A 74 6.23 32.08 -3.41
CA SER A 74 5.12 32.61 -2.62
C SER A 74 5.12 31.98 -1.22
N PRO A 75 4.44 32.63 -0.28
CA PRO A 75 4.23 32.03 1.04
C PRO A 75 3.45 30.73 1.01
N TYR A 76 2.87 30.39 -0.13
CA TYR A 76 2.06 29.19 -0.21
C TYR A 76 2.93 28.03 -0.66
N SER A 77 4.25 28.24 -0.66
CA SER A 77 5.18 27.17 -0.97
C SER A 77 4.84 25.91 -0.23
N GLY A 78 4.92 24.80 -0.95
CA GLY A 78 4.65 23.47 -0.39
C GLY A 78 3.19 23.07 -0.35
N GLY A 79 2.28 24.04 -0.40
CA GLY A 79 0.86 23.74 -0.27
C GLY A 79 0.30 23.07 -1.52
N VAL A 80 -0.77 22.29 -1.32
CA VAL A 80 -1.56 21.77 -2.42
C VAL A 80 -2.96 22.23 -2.24
N PHE A 81 -3.50 22.92 -3.24
CA PHE A 81 -4.79 23.56 -3.11
C PHE A 81 -5.78 22.97 -4.10
N LEU A 82 -6.97 22.70 -3.61
CA LEU A 82 -7.95 22.04 -4.42
C LEU A 82 -8.88 23.03 -5.08
N VAL A 83 -9.12 22.83 -6.36
CA VAL A 83 -9.94 23.74 -7.11
C VAL A 83 -10.98 22.89 -7.83
N THR A 84 -12.18 23.44 -7.99
CA THR A 84 -13.19 22.88 -8.88
C THR A 84 -13.41 23.79 -10.05
N ILE A 85 -13.89 23.19 -11.13
CA ILE A 85 -13.94 23.82 -12.42
C ILE A 85 -15.26 23.40 -13.08
N HIS A 86 -16.03 24.36 -13.56
CA HIS A 86 -17.24 24.06 -14.30
C HIS A 86 -17.17 24.78 -15.63
N PHE A 87 -17.11 24.04 -16.73
CA PHE A 87 -17.06 24.63 -18.04
C PHE A 87 -18.47 24.94 -18.47
N PRO A 88 -18.70 26.14 -18.99
CA PRO A 88 -20.03 26.49 -19.43
C PRO A 88 -20.35 25.80 -20.79
N PRO A 89 -21.63 25.78 -21.17
CA PRO A 89 -22.01 25.10 -22.38
C PRO A 89 -21.48 25.70 -23.65
N ASP A 90 -21.20 27.01 -23.67
CA ASP A 90 -20.64 27.67 -24.89
C ASP A 90 -19.15 27.99 -24.80
N TYR A 91 -18.42 27.17 -24.04
CA TYR A 91 -16.98 27.22 -24.08
C TYR A 91 -16.53 26.99 -25.53
N PRO A 92 -15.54 27.72 -26.04
CA PRO A 92 -14.68 28.60 -25.29
C PRO A 92 -15.02 30.09 -25.34
N PHE A 93 -16.26 30.45 -25.61
CA PHE A 93 -16.58 31.86 -25.79
C PHE A 93 -16.79 32.56 -24.47
N LYS A 94 -17.09 31.76 -23.45
CA LYS A 94 -17.18 32.20 -22.06
C LYS A 94 -16.22 31.41 -21.18
N PRO A 95 -15.73 32.04 -20.12
CA PRO A 95 -14.76 31.40 -19.25
C PRO A 95 -15.36 30.29 -18.40
N PRO A 96 -14.49 29.43 -17.86
CA PRO A 96 -14.92 28.47 -16.90
C PRO A 96 -15.14 29.14 -15.57
N LYS A 97 -15.90 28.49 -14.70
CA LYS A 97 -16.14 28.90 -13.33
C LYS A 97 -15.12 28.14 -12.45
N VAL A 98 -14.45 28.85 -11.55
CA VAL A 98 -13.36 28.27 -10.79
C VAL A 98 -13.41 28.72 -9.35
N ALA A 99 -13.67 27.77 -8.45
CA ALA A 99 -13.63 28.00 -7.02
C ALA A 99 -12.52 27.15 -6.36
N PHE A 100 -11.75 27.77 -5.46
CA PHE A 100 -10.94 27.04 -4.51
C PHE A 100 -11.81 26.25 -3.55
N ARG A 101 -11.45 25.01 -3.27
CA ARG A 101 -12.03 24.21 -2.18
C ARG A 101 -11.19 24.26 -0.89
N THR A 102 -9.88 24.47 -1.00
CA THR A 102 -8.96 24.54 0.15
C THR A 102 -8.84 25.96 0.71
N LYS A 103 -8.84 26.11 2.02
CA LYS A 103 -8.75 27.43 2.62
C LYS A 103 -7.40 28.05 2.34
N VAL A 104 -7.46 29.35 1.96
CA VAL A 104 -6.27 30.16 1.72
C VAL A 104 -6.37 31.56 2.31
N PHE A 105 -5.25 32.09 2.75
CA PHE A 105 -5.20 33.46 3.18
C PHE A 105 -4.74 34.31 1.99
N HIS A 106 -5.70 34.95 1.31
CA HIS A 106 -5.37 35.66 0.08
C HIS A 106 -6.40 36.74 -0.21
N PRO A 107 -5.92 37.95 -0.56
CA PRO A 107 -6.74 39.12 -0.86
C PRO A 107 -7.82 38.85 -1.87
N ASN A 108 -7.49 38.06 -2.87
CA ASN A 108 -8.41 37.78 -3.98
C ASN A 108 -9.11 36.41 -3.93
N ILE A 109 -9.11 35.76 -2.79
CA ILE A 109 -9.87 34.52 -2.65
C ILE A 109 -10.58 34.52 -1.31
N ASN A 110 -11.88 34.32 -1.30
CA ASN A 110 -12.67 34.51 -0.08
C ASN A 110 -13.03 33.21 0.67
N SER A 111 -13.79 33.31 1.75
CA SER A 111 -14.09 32.14 2.58
C SER A 111 -14.72 31.02 1.78
N ASN A 112 -15.39 31.35 0.68
CA ASN A 112 -16.04 30.33 -0.17
C ASN A 112 -15.29 29.94 -1.42
N GLY A 113 -14.00 30.25 -1.44
CA GLY A 113 -13.14 29.89 -2.54
C GLY A 113 -13.50 30.52 -3.88
N SER A 114 -14.11 31.71 -3.84
CA SER A 114 -14.30 32.49 -5.04
C SER A 114 -13.00 33.17 -5.33
N ILE A 115 -12.64 33.26 -6.61
CA ILE A 115 -11.37 33.81 -7.02
C ILE A 115 -11.67 35.08 -7.79
N CYS A 116 -10.92 36.15 -7.54
CA CYS A 116 -10.96 37.33 -8.37
C CYS A 116 -9.78 37.28 -9.29
N LEU A 117 -10.05 36.92 -10.52
CA LEU A 117 -9.00 36.69 -11.49
C LEU A 117 -9.34 37.30 -12.84
N ASP A 118 -8.53 38.28 -13.26
CA ASP A 118 -8.64 38.98 -14.53
C ASP A 118 -9.13 38.16 -15.70
N ILE A 119 -8.56 36.98 -15.88
CA ILE A 119 -8.76 36.28 -17.14
C ILE A 119 -9.97 35.38 -17.09
N LEU A 120 -10.64 35.35 -15.93
CA LEU A 120 -12.00 34.83 -15.84
C LEU A 120 -13.05 35.90 -16.04
N LYS A 121 -12.62 37.14 -16.12
CA LYS A 121 -13.50 38.29 -16.32
C LYS A 121 -13.14 38.93 -17.65
N GLU A 122 -12.72 40.19 -17.62
CA GLU A 122 -12.65 40.96 -18.86
C GLU A 122 -11.57 40.49 -19.81
N GLN A 123 -10.62 39.71 -19.35
CA GLN A 123 -9.51 39.27 -20.21
C GLN A 123 -9.64 37.82 -20.71
N TRP A 124 -10.79 37.20 -20.47
CA TRP A 124 -11.07 35.93 -21.06
C TRP A 124 -10.96 36.09 -22.55
N SER A 125 -10.43 35.09 -23.20
CA SER A 125 -10.32 35.07 -24.63
C SER A 125 -10.54 33.61 -24.98
N PRO A 126 -11.01 33.32 -26.19
CA PRO A 126 -11.20 31.91 -26.50
C PRO A 126 -9.90 31.27 -26.99
N ALA A 127 -8.87 32.06 -27.12
CA ALA A 127 -7.52 31.55 -27.27
C ALA A 127 -7.03 30.83 -26.01
N LEU A 128 -7.58 31.18 -24.85
CA LEU A 128 -7.08 30.65 -23.58
C LEU A 128 -7.56 29.23 -23.31
N THR A 129 -6.79 28.52 -22.50
CA THR A 129 -7.12 27.14 -22.11
C THR A 129 -7.13 26.95 -20.61
N ILE A 130 -7.67 25.84 -20.16
CA ILE A 130 -7.83 25.67 -18.73
C ILE A 130 -6.43 25.62 -18.09
N SER A 131 -5.45 25.06 -18.79
CA SER A 131 -4.07 25.15 -18.34
C SER A 131 -3.67 26.60 -18.06
N LYS A 132 -3.81 27.42 -19.08
CA LYS A 132 -3.49 28.82 -18.97
C LYS A 132 -4.21 29.44 -17.75
N VAL A 133 -5.48 29.11 -17.56
CA VAL A 133 -6.20 29.58 -16.39
C VAL A 133 -5.56 29.13 -15.06
N LEU A 134 -5.44 27.82 -14.90
CA LEU A 134 -4.72 27.22 -13.77
C LEU A 134 -3.37 27.90 -13.48
N LEU A 135 -2.56 28.12 -14.51
CA LEU A 135 -1.30 28.84 -14.32
C LEU A 135 -1.49 30.24 -13.79
N SER A 136 -2.52 30.95 -14.25
CA SER A 136 -2.77 32.30 -13.78
C SER A 136 -3.01 32.31 -12.30
N ILE A 137 -3.79 31.33 -11.86
CA ILE A 137 -4.03 31.17 -10.43
C ILE A 137 -2.71 30.99 -9.67
N CYS A 138 -1.77 30.22 -10.20
CA CYS A 138 -0.44 30.21 -9.61
C CYS A 138 0.14 31.60 -9.49
N SER A 139 0.15 32.36 -10.58
CA SER A 139 0.75 33.70 -10.57
C SER A 139 0.06 34.55 -9.52
N LEU A 140 -1.24 34.32 -9.35
CA LEU A 140 -1.99 35.09 -8.38
C LEU A 140 -1.49 34.80 -6.95
N LEU A 141 -1.21 33.55 -6.67
CA LEU A 141 -0.65 33.20 -5.37
C LEU A 141 0.69 33.95 -5.19
N THR A 142 1.51 34.09 -6.21
CA THR A 142 2.80 34.70 -5.96
C THR A 142 2.72 36.23 -5.99
N ASP A 143 1.72 36.78 -6.68
CA ASP A 143 1.50 38.22 -6.84
C ASP A 143 0.01 38.56 -6.76
N PRO A 144 -0.49 38.87 -5.55
CA PRO A 144 -1.88 39.25 -5.33
C PRO A 144 -2.16 40.66 -5.80
N ASN A 145 -3.44 41.01 -6.02
CA ASN A 145 -3.83 42.37 -6.40
C ASN A 145 -4.71 42.97 -5.36
N PRO A 146 -4.12 43.66 -4.39
CA PRO A 146 -4.88 44.17 -3.25
C PRO A 146 -5.88 45.22 -3.67
N ASP A 147 -5.67 45.85 -4.83
CA ASP A 147 -6.57 46.89 -5.30
C ASP A 147 -7.75 46.32 -6.07
N ASP A 148 -7.99 45.04 -5.92
CA ASP A 148 -9.13 44.41 -6.57
C ASP A 148 -9.56 43.31 -5.63
N PRO A 149 -9.76 43.68 -4.35
CA PRO A 149 -9.86 42.70 -3.28
C PRO A 149 -11.23 42.04 -3.20
N LEU A 150 -11.24 40.85 -2.62
CA LEU A 150 -12.46 40.12 -2.37
C LEU A 150 -12.58 39.93 -0.88
N VAL A 151 -11.54 40.36 -0.16
CA VAL A 151 -11.43 40.14 1.27
C VAL A 151 -10.63 41.33 1.80
N PRO A 152 -11.34 42.37 2.26
CA PRO A 152 -10.61 43.62 2.50
C PRO A 152 -9.66 43.61 3.69
N GLU A 153 -9.96 42.89 4.77
CA GLU A 153 -8.99 42.75 5.86
C GLU A 153 -7.65 42.25 5.32
N ILE A 154 -7.67 41.25 4.44
CA ILE A 154 -6.42 40.68 3.93
C ILE A 154 -5.74 41.62 2.96
N ALA A 155 -6.53 42.27 2.11
CA ALA A 155 -5.97 43.24 1.19
C ALA A 155 -5.32 44.35 1.97
N HIS A 156 -6.00 44.81 3.02
CA HIS A 156 -5.47 45.86 3.87
C HIS A 156 -4.20 45.39 4.59
N MET A 157 -4.24 44.22 5.20
CA MET A 157 -3.06 43.69 5.85
C MET A 157 -1.91 43.58 4.86
N TYR A 158 -2.22 43.23 3.63
CA TYR A 158 -1.19 43.03 2.63
C TYR A 158 -0.52 44.37 2.30
N LYS A 159 -1.33 45.36 1.95
CA LYS A 159 -0.84 46.71 1.64
C LYS A 159 -0.10 47.35 2.82
N THR A 160 -0.58 47.07 4.02
CA THR A 160 -0.26 47.84 5.21
C THR A 160 0.87 47.20 5.96
N ASP A 161 0.84 45.87 6.02
CA ASP A 161 1.73 45.09 6.89
C ASP A 161 2.06 43.73 6.23
N ARG A 162 2.84 43.83 5.15
CA ARG A 162 3.10 42.69 4.26
C ARG A 162 3.71 41.51 5.03
N ALA A 163 4.65 41.81 5.91
CA ALA A 163 5.34 40.76 6.63
C ALA A 163 4.37 39.90 7.42
N LYS A 164 3.26 40.49 7.84
CA LYS A 164 2.30 39.72 8.61
C LYS A 164 1.43 38.86 7.72
N TYR A 165 0.96 39.43 6.59
CA TYR A 165 0.33 38.65 5.51
C TYR A 165 1.20 37.44 5.18
N GLU A 166 2.50 37.67 4.96
CA GLU A 166 3.36 36.58 4.56
C GLU A 166 3.28 35.51 5.63
N ALA A 167 3.30 35.96 6.88
CA ALA A 167 3.38 35.01 7.98
C ALA A 167 2.11 34.20 8.07
N THR A 168 0.97 34.82 7.76
CA THR A 168 -0.34 34.30 8.14
C THR A 168 -0.84 33.09 7.32
N ALA A 169 -0.60 33.05 6.02
CA ALA A 169 -0.32 31.76 5.37
C ALA A 169 0.82 32.23 4.67
N ARG A 170 1.96 31.52 4.65
CA ARG A 170 2.41 30.38 5.49
C ARG A 170 1.60 29.55 6.52
N ASN A 171 1.13 30.13 7.62
CA ASN A 171 0.45 29.30 8.64
C ASN A 171 -0.76 28.55 8.10
N TRP A 172 -1.65 29.28 7.43
CA TRP A 172 -2.83 28.68 6.81
C TRP A 172 -2.46 27.66 5.72
N THR A 173 -1.29 27.81 5.13
CA THR A 173 -0.83 26.83 4.15
C THR A 173 -0.54 25.51 4.90
N GLN A 174 0.12 25.61 6.05
CA GLN A 174 0.37 24.44 6.91
C GLN A 174 -0.90 23.80 7.47
N LYS A 175 -1.74 24.61 8.11
CA LYS A 175 -2.99 24.08 8.66
C LYS A 175 -3.78 23.38 7.57
N TYR A 176 -4.09 24.09 6.48
CA TYR A 176 -5.16 23.68 5.59
C TYR A 176 -4.71 23.07 4.26
N ALA A 177 -3.43 23.15 3.93
CA ALA A 177 -2.99 22.70 2.60
C ALA A 177 -1.88 21.68 2.57
N MET A 178 -1.79 20.81 3.59
CA MET A 178 -0.64 19.89 3.74
C MET A 178 -0.95 18.52 4.31
N PRO B 22 -8.52 -9.57 -16.73
CA PRO B 22 -9.20 -8.24 -16.48
C PRO B 22 -9.32 -7.83 -14.97
N GLU B 23 -8.23 -7.96 -14.18
CA GLU B 23 -8.06 -7.17 -12.91
C GLU B 23 -6.61 -6.66 -12.66
N GLU B 24 -5.70 -7.11 -13.52
CA GLU B 24 -4.28 -6.91 -13.34
C GLU B 24 -3.71 -6.60 -14.76
N GLU B 25 -3.92 -5.33 -15.15
CA GLU B 25 -3.53 -4.76 -16.47
C GLU B 25 -2.46 -3.67 -16.24
N SER B 26 -1.82 -3.20 -17.31
CA SER B 26 -0.61 -2.38 -17.14
C SER B 26 -0.77 -0.94 -17.61
N ILE B 27 -0.06 -0.01 -16.96
CA ILE B 27 0.01 1.35 -17.43
C ILE B 27 1.34 2.03 -17.12
N ASP B 28 1.68 2.97 -17.98
CA ASP B 28 2.96 3.64 -17.89
C ASP B 28 2.82 5.02 -17.24
N ILE B 29 3.65 5.27 -16.24
CA ILE B 29 3.58 6.48 -15.48
C ILE B 29 4.90 7.19 -15.60
N LYS B 30 4.90 8.49 -15.86
CA LYS B 30 6.07 9.29 -15.50
C LYS B 30 5.67 10.31 -14.48
N PHE B 31 6.67 10.74 -13.71
CA PHE B 31 6.41 11.48 -12.50
C PHE B 31 6.94 12.89 -12.68
N ARG B 32 6.05 13.87 -12.61
CA ARG B 32 6.48 15.26 -12.76
C ARG B 32 6.90 15.84 -11.43
N LEU B 33 8.08 16.47 -11.43
CA LEU B 33 8.68 17.03 -10.21
C LEU B 33 8.57 18.56 -10.11
N TYR B 34 8.75 19.09 -8.91
CA TYR B 34 8.62 20.55 -8.70
C TYR B 34 9.44 21.35 -9.71
N ASP B 35 10.65 20.87 -9.95
CA ASP B 35 11.64 21.38 -10.90
C ASP B 35 11.10 21.62 -12.29
N GLY B 36 10.21 20.75 -12.74
CA GLY B 36 9.80 20.68 -14.14
C GLY B 36 10.30 19.40 -14.78
N SER B 37 11.33 18.82 -14.18
CA SER B 37 11.89 17.56 -14.65
C SER B 37 10.93 16.44 -14.29
N ASP B 38 10.87 15.44 -15.16
CA ASP B 38 10.21 14.22 -14.74
C ASP B 38 11.12 13.01 -14.82
N ILE B 39 10.71 11.93 -14.14
CA ILE B 39 11.40 10.65 -14.13
C ILE B 39 10.43 9.54 -14.47
N GLY B 40 10.92 8.56 -15.21
CA GLY B 40 10.05 7.60 -15.86
C GLY B 40 10.28 7.80 -17.34
N PRO B 41 9.47 7.18 -18.19
CA PRO B 41 8.29 6.42 -17.77
C PRO B 41 8.65 5.06 -17.16
N PHE B 42 7.70 4.47 -16.45
CA PHE B 42 7.88 3.23 -15.74
C PHE B 42 6.59 2.45 -15.97
N ARG B 43 6.68 1.13 -16.04
CA ARG B 43 5.48 0.30 -16.23
C ARG B 43 5.03 -0.31 -14.91
N TYR B 44 3.74 -0.24 -14.63
CA TYR B 44 3.19 -0.74 -13.38
C TYR B 44 1.87 -1.40 -13.73
N SER B 45 1.30 -2.13 -12.79
CA SER B 45 0.01 -2.75 -13.04
C SER B 45 -1.07 -1.99 -12.28
N ALA B 46 -2.30 -2.13 -12.75
CA ALA B 46 -3.42 -1.56 -12.05
C ALA B 46 -3.41 -2.02 -10.62
N ALA B 47 -2.81 -3.18 -10.38
CA ALA B 47 -2.79 -3.76 -9.04
C ALA B 47 -1.76 -3.07 -8.14
N SER B 48 -0.84 -2.30 -8.71
CA SER B 48 0.16 -1.57 -7.91
C SER B 48 -0.50 -0.52 -7.02
N THR B 49 0.01 -0.41 -5.80
CA THR B 49 -0.52 0.56 -4.88
C THR B 49 0.21 1.89 -5.06
N VAL B 50 -0.46 2.94 -4.60
CA VAL B 50 0.12 4.26 -4.59
C VAL B 50 1.34 4.23 -3.68
N ASP B 51 1.13 3.65 -2.50
CA ASP B 51 2.23 3.39 -1.56
C ASP B 51 3.48 2.86 -2.30
N PHE B 52 3.26 1.91 -3.21
CA PHE B 52 4.35 1.36 -3.97
C PHE B 52 4.95 2.48 -4.79
N LEU B 53 4.08 3.14 -5.57
CA LEU B 53 4.52 4.20 -6.48
C LEU B 53 5.39 5.22 -5.77
N LYS B 54 5.03 5.58 -4.55
CA LYS B 54 5.80 6.55 -3.81
C LYS B 54 7.19 6.09 -3.47
N GLN B 55 7.30 4.83 -3.01
CA GLN B 55 8.61 4.20 -2.74
C GLN B 55 9.52 4.29 -3.97
N ARG B 56 8.98 3.91 -5.12
CA ARG B 56 9.69 4.03 -6.38
C ARG B 56 10.20 5.47 -6.61
N VAL B 57 9.39 6.46 -6.23
CA VAL B 57 9.77 7.87 -6.33
C VAL B 57 10.95 8.18 -5.41
N VAL B 58 10.82 7.84 -4.13
CA VAL B 58 11.92 8.09 -3.18
C VAL B 58 13.21 7.50 -3.72
N SER B 59 13.11 6.28 -4.26
CA SER B 59 14.25 5.58 -4.81
C SER B 59 14.89 6.25 -6.01
N ASP B 60 14.14 6.47 -7.09
CA ASP B 60 14.75 7.00 -8.31
C ASP B 60 14.96 8.51 -8.26
N TRP B 61 14.73 9.11 -7.09
CA TRP B 61 14.88 10.54 -6.96
C TRP B 61 16.22 10.96 -7.54
N PRO B 62 16.20 11.89 -8.51
CA PRO B 62 17.46 12.30 -9.13
C PRO B 62 18.33 13.12 -8.20
N LYS B 63 19.57 13.34 -8.59
CA LYS B 63 20.56 14.00 -7.72
C LYS B 63 20.54 15.51 -7.94
N GLY B 64 21.03 16.25 -6.96
CA GLY B 64 21.21 17.70 -7.11
C GLY B 64 19.92 18.50 -7.14
N LYS B 65 18.95 18.09 -6.34
CA LYS B 65 17.73 18.85 -6.14
C LYS B 65 17.79 19.64 -4.85
N THR B 66 17.24 20.83 -4.87
CA THR B 66 17.17 21.60 -3.64
C THR B 66 16.29 20.83 -2.62
N VAL B 67 15.53 19.86 -3.09
CA VAL B 67 14.68 19.08 -2.19
C VAL B 67 14.89 17.63 -2.48
N VAL B 68 14.85 16.83 -1.43
CA VAL B 68 14.94 15.37 -1.57
C VAL B 68 13.99 14.70 -0.59
N PRO B 69 13.08 13.84 -1.07
CA PRO B 69 12.19 13.22 -0.12
C PRO B 69 12.93 12.14 0.65
N LYS B 70 12.86 12.20 1.97
CA LYS B 70 13.61 11.27 2.80
C LYS B 70 12.88 9.94 2.76
N GLY B 71 11.56 10.02 2.96
CA GLY B 71 10.73 8.83 3.04
C GLY B 71 9.44 8.95 2.24
N ILE B 72 8.56 8.02 2.48
CA ILE B 72 7.36 7.80 1.69
C ILE B 72 6.28 8.72 2.27
N ASN B 73 6.42 8.98 3.58
CA ASN B 73 5.51 9.83 4.32
C ASN B 73 5.70 11.30 3.94
N GLU B 74 6.68 11.60 3.10
CA GLU B 74 6.96 12.97 2.68
C GLU B 74 6.54 13.28 1.22
N VAL B 75 5.95 12.34 0.49
CA VAL B 75 5.61 12.61 -0.91
C VAL B 75 4.13 12.44 -1.18
N LYS B 76 3.52 13.43 -1.82
CA LYS B 76 2.14 13.34 -2.23
C LYS B 76 2.12 13.14 -3.74
N LEU B 77 1.23 12.28 -4.21
CA LEU B 77 1.06 12.05 -5.64
C LEU B 77 -0.29 12.58 -6.07
N ILE B 78 -0.26 13.23 -7.23
CA ILE B 78 -1.46 13.79 -7.79
C ILE B 78 -1.62 13.31 -9.21
N SER B 79 -2.84 12.89 -9.53
CA SER B 79 -3.21 12.50 -10.87
C SER B 79 -4.58 13.03 -11.15
N SER B 80 -4.76 13.47 -12.39
CA SER B 80 -5.93 14.20 -12.85
C SER B 80 -6.69 15.01 -11.79
N GLY B 81 -5.94 15.86 -11.10
CA GLY B 81 -6.56 16.83 -10.22
C GLY B 81 -6.86 16.29 -8.85
N LYS B 82 -6.74 14.96 -8.69
CA LYS B 82 -6.96 14.33 -7.38
C LYS B 82 -5.65 13.94 -6.72
N ILE B 83 -5.58 14.21 -5.42
CA ILE B 83 -4.50 13.68 -4.60
C ILE B 83 -4.74 12.18 -4.36
N LEU B 84 -3.83 11.33 -4.77
CA LEU B 84 -4.04 9.88 -4.66
C LEU B 84 -3.66 9.44 -3.27
N GLU B 85 -4.49 8.60 -2.65
CA GLU B 85 -4.21 8.14 -1.27
C GLU B 85 -3.53 6.77 -1.27
N ASN B 86 -2.63 6.55 -0.31
CA ASN B 86 -1.65 5.45 -0.37
C ASN B 86 -2.23 4.10 -0.69
N ASN B 87 -3.26 3.76 0.08
CA ASN B 87 -3.73 2.41 0.15
C ASN B 87 -4.71 2.10 -0.97
N LYS B 88 -4.85 3.01 -1.91
CA LYS B 88 -5.60 2.73 -3.13
C LYS B 88 -4.65 2.20 -4.17
N THR B 89 -5.20 1.60 -5.20
CA THR B 89 -4.39 1.01 -6.27
C THR B 89 -4.57 1.81 -7.52
N VAL B 90 -3.57 1.77 -8.38
CA VAL B 90 -3.70 2.46 -9.65
C VAL B 90 -5.08 2.22 -10.30
N GLY B 91 -5.57 0.99 -10.23
CA GLY B 91 -6.80 0.63 -10.90
C GLY B 91 -8.00 1.30 -10.31
N GLN B 92 -7.96 1.57 -9.02
CA GLN B 92 -9.05 2.29 -8.36
C GLN B 92 -8.84 3.81 -8.39
N CYS B 93 -7.64 4.23 -8.77
CA CYS B 93 -7.35 5.61 -9.16
C CYS B 93 -7.44 5.74 -10.68
N LYS B 94 -8.57 5.30 -11.21
CA LYS B 94 -8.85 5.44 -12.62
C LYS B 94 -10.13 6.22 -12.68
N THR B 95 -10.16 7.22 -13.57
CA THR B 95 -11.38 7.97 -13.85
C THR B 95 -11.72 7.79 -15.34
N PRO B 96 -13.01 7.90 -15.67
CA PRO B 96 -13.39 7.71 -17.06
C PRO B 96 -12.53 8.54 -18.02
N PHE B 97 -12.15 9.75 -17.60
CA PHE B 97 -11.41 10.60 -18.52
C PHE B 97 -9.94 10.67 -18.15
N GLY B 98 -9.50 9.77 -17.30
CA GLY B 98 -8.11 9.80 -16.79
C GLY B 98 -6.99 9.56 -17.80
N ASP B 99 -7.27 8.97 -18.96
CA ASP B 99 -6.24 8.82 -20.00
C ASP B 99 -6.86 8.77 -21.38
N ILE B 100 -7.38 9.92 -21.80
CA ILE B 100 -8.03 10.08 -23.09
C ILE B 100 -7.13 9.56 -24.24
N ALA B 101 -5.84 9.85 -24.20
CA ALA B 101 -4.97 9.48 -25.33
C ALA B 101 -4.73 7.98 -25.40
N GLY B 102 -4.77 7.32 -24.24
CA GLY B 102 -4.22 5.96 -24.12
C GLY B 102 -2.84 5.85 -23.49
N GLY B 103 -1.88 6.68 -23.88
CA GLY B 103 -0.47 6.43 -23.61
C GLY B 103 0.00 6.64 -22.17
N VAL B 104 1.20 7.21 -22.01
CA VAL B 104 1.77 7.48 -20.68
C VAL B 104 0.84 8.42 -19.88
N ILE B 105 0.64 8.07 -18.62
CA ILE B 105 -0.02 8.96 -17.70
C ILE B 105 1.05 9.70 -16.91
N VAL B 106 0.99 11.03 -16.92
CA VAL B 106 1.82 11.85 -16.02
C VAL B 106 1.16 12.07 -14.67
N MET B 107 1.94 11.84 -13.60
CA MET B 107 1.49 12.09 -12.24
C MET B 107 2.42 13.09 -11.61
N HIS B 108 1.92 13.86 -10.65
CA HIS B 108 2.65 14.98 -10.07
C HIS B 108 3.12 14.61 -8.67
N VAL B 109 4.38 14.87 -8.39
CA VAL B 109 4.94 14.57 -7.09
C VAL B 109 5.18 15.85 -6.36
N VAL B 110 4.67 15.93 -5.14
CA VAL B 110 4.89 17.09 -4.29
C VAL B 110 5.56 16.64 -3.00
N VAL B 111 6.72 17.22 -2.72
CA VAL B 111 7.51 16.78 -1.57
C VAL B 111 7.33 17.73 -0.38
N GLN B 112 6.60 17.29 0.63
CA GLN B 112 6.30 18.09 1.80
C GLN B 112 7.11 17.61 3.00
N PRO B 113 8.22 18.30 3.33
CA PRO B 113 8.74 18.07 4.68
C PRO B 113 7.72 18.50 5.76
N SER B 114 7.42 17.64 6.74
CA SER B 114 6.29 17.88 7.68
C SER B 114 6.68 18.64 8.97
N THR C 31 29.13 -17.84 18.08
CA THR C 31 27.95 -17.21 17.39
C THR C 31 28.06 -17.23 15.86
N MET C 32 28.57 -18.33 15.28
CA MET C 32 28.30 -18.64 13.88
C MET C 32 26.80 -18.97 13.78
N ALA C 33 26.31 -19.70 14.78
CA ALA C 33 24.91 -20.06 14.86
C ALA C 33 24.04 -18.81 14.82
N SER C 34 24.24 -17.88 15.77
CA SER C 34 23.46 -16.63 15.81
C SER C 34 23.45 -15.87 14.49
N LYS C 35 24.61 -15.77 13.86
CA LYS C 35 24.74 -14.99 12.63
C LYS C 35 23.94 -15.63 11.51
N ARG C 36 24.13 -16.93 11.35
CA ARG C 36 23.38 -17.73 10.36
C ARG C 36 21.86 -17.76 10.62
N ILE C 37 21.46 -17.93 11.87
CA ILE C 37 20.05 -17.85 12.23
C ILE C 37 19.50 -16.47 11.89
N LEU C 38 20.30 -15.44 12.14
CA LEU C 38 19.88 -14.07 11.86
C LEU C 38 19.72 -13.86 10.36
N LYS C 39 20.62 -14.47 9.60
CA LYS C 39 20.58 -14.42 8.15
C LYS C 39 19.29 -15.08 7.64
N GLU C 40 18.98 -16.25 8.20
CA GLU C 40 17.82 -17.03 7.76
C GLU C 40 16.55 -16.28 8.09
N LEU C 41 16.54 -15.57 9.22
CA LEU C 41 15.42 -14.70 9.58
C LEU C 41 15.29 -13.54 8.60
N LYS C 42 16.42 -12.92 8.26
CA LYS C 42 16.41 -11.77 7.37
C LYS C 42 15.84 -12.17 6.01
N ASP C 43 16.38 -13.22 5.42
CA ASP C 43 15.87 -13.73 4.14
C ASP C 43 14.38 -14.06 4.21
N LEU C 44 13.99 -14.71 5.29
CA LEU C 44 12.64 -15.18 5.42
C LEU C 44 11.69 -13.99 5.48
N GLN C 45 12.05 -12.99 6.27
CA GLN C 45 11.22 -11.79 6.41
C GLN C 45 11.08 -11.02 5.08
N LYS C 46 12.13 -11.03 4.27
CA LYS C 46 12.12 -10.37 2.97
C LYS C 46 11.16 -11.08 2.05
N ASP C 47 11.27 -12.39 1.99
CA ASP C 47 10.40 -13.16 1.12
C ASP C 47 10.05 -14.50 1.73
N PRO C 48 9.02 -14.54 2.59
CA PRO C 48 8.68 -15.78 3.28
C PRO C 48 8.09 -16.79 2.34
N PRO C 49 8.18 -18.07 2.70
CA PRO C 49 7.51 -19.08 1.89
C PRO C 49 6.02 -18.80 1.97
N THR C 50 5.27 -19.13 0.93
CA THR C 50 3.88 -18.69 0.95
C THR C 50 3.11 -19.47 2.01
N SER C 51 3.51 -20.73 2.21
CA SER C 51 2.83 -21.63 3.14
C SER C 51 3.19 -21.51 4.64
N CYS C 52 4.18 -20.69 5.02
CA CYS C 52 4.62 -20.67 6.45
C CYS C 52 5.16 -19.36 6.95
N SER C 53 5.05 -19.16 8.26
CA SER C 53 5.42 -17.93 8.91
C SER C 53 6.20 -18.30 10.17
N ALA C 54 7.33 -17.66 10.43
CA ALA C 54 8.11 -17.99 11.61
C ALA C 54 8.97 -16.84 12.05
N GLY C 55 9.08 -16.73 13.36
CA GLY C 55 10.04 -15.84 13.94
C GLY C 55 10.33 -16.26 15.36
N PRO C 56 11.29 -15.57 15.99
CA PRO C 56 11.61 -15.74 17.39
C PRO C 56 10.44 -15.39 18.27
N VAL C 57 10.23 -16.16 19.34
CA VAL C 57 9.11 -15.91 20.24
C VAL C 57 9.30 -14.60 20.96
N ALA C 58 10.43 -14.48 21.66
CA ALA C 58 10.73 -13.28 22.41
C ALA C 58 12.13 -12.82 22.05
N GLU C 59 13.09 -12.94 22.98
CA GLU C 59 14.45 -12.46 22.75
C GLU C 59 15.46 -13.58 22.58
N ASP C 60 15.12 -14.79 23.03
CA ASP C 60 15.95 -15.95 22.73
C ASP C 60 15.68 -16.26 21.27
N MET C 61 16.72 -16.08 20.47
CA MET C 61 16.60 -16.20 19.04
C MET C 61 16.87 -17.61 18.56
N PHE C 62 17.22 -18.48 19.51
CA PHE C 62 17.28 -19.91 19.24
C PHE C 62 15.90 -20.55 19.39
N HIS C 63 14.94 -19.79 19.92
CA HIS C 63 13.59 -20.32 20.14
C HIS C 63 12.58 -19.52 19.29
N TRP C 64 12.12 -20.15 18.21
CA TRP C 64 11.13 -19.58 17.29
C TRP C 64 9.82 -20.28 17.47
N GLN C 65 8.75 -19.67 16.98
CA GLN C 65 7.52 -20.39 16.72
C GLN C 65 7.15 -20.15 15.29
N ALA C 66 6.28 -21.01 14.76
CA ALA C 66 5.90 -20.92 13.36
C ALA C 66 4.49 -21.44 13.16
N THR C 67 3.93 -21.17 11.97
CA THR C 67 2.65 -21.72 11.58
C THR C 67 2.78 -22.36 10.21
N ILE C 68 2.16 -23.52 10.06
CA ILE C 68 2.11 -24.16 8.79
C ILE C 68 0.68 -24.06 8.32
N MET C 69 0.50 -23.65 7.07
CA MET C 69 -0.82 -23.59 6.50
C MET C 69 -1.04 -24.83 5.68
N GLY C 70 -1.93 -25.67 6.18
CA GLY C 70 -2.26 -26.90 5.52
C GLY C 70 -2.54 -26.66 4.06
N PRO C 71 -1.77 -27.31 3.21
CA PRO C 71 -1.88 -27.13 1.78
C PRO C 71 -3.21 -27.53 1.23
N ALA C 72 -3.58 -26.88 0.15
CA ALA C 72 -4.74 -27.26 -0.64
C ALA C 72 -4.74 -28.69 -1.10
N GLU C 73 -3.56 -29.25 -1.35
CA GLU C 73 -3.55 -30.59 -1.96
C GLU C 73 -3.36 -31.67 -0.89
N SER C 74 -3.87 -31.34 0.29
CA SER C 74 -3.96 -32.24 1.40
C SER C 74 -5.31 -32.09 2.16
N PRO C 75 -5.72 -33.14 2.89
CA PRO C 75 -6.90 -33.06 3.74
C PRO C 75 -6.77 -31.96 4.81
N TYR C 76 -5.57 -31.41 4.96
CA TYR C 76 -5.35 -30.43 6.03
C TYR C 76 -5.57 -29.03 5.47
N SER C 77 -6.07 -28.95 4.23
CA SER C 77 -6.52 -27.69 3.61
C SER C 77 -7.23 -26.76 4.57
N GLY C 78 -6.82 -25.51 4.57
CA GLY C 78 -7.46 -24.52 5.42
C GLY C 78 -6.94 -24.47 6.83
N GLY C 79 -6.29 -25.52 7.29
CA GLY C 79 -5.83 -25.52 8.66
C GLY C 79 -4.66 -24.59 8.90
N VAL C 80 -4.52 -24.21 10.16
CA VAL C 80 -3.31 -23.52 10.59
C VAL C 80 -2.74 -24.30 11.74
N PHE C 81 -1.48 -24.74 11.59
CA PHE C 81 -0.86 -25.58 12.58
C PHE C 81 0.33 -24.91 13.24
N LEU C 82 0.34 -24.94 14.55
CA LEU C 82 1.38 -24.30 15.27
C LEU C 82 2.58 -25.21 15.49
N VAL C 83 3.77 -24.67 15.32
CA VAL C 83 5.01 -25.42 15.45
C VAL C 83 5.98 -24.64 16.32
N THR C 84 6.73 -25.35 17.16
CA THR C 84 7.87 -24.75 17.86
C THR C 84 9.18 -25.29 17.31
N ILE C 85 10.22 -24.51 17.50
CA ILE C 85 11.46 -24.68 16.81
C ILE C 85 12.54 -24.29 17.79
N HIS C 86 13.46 -25.22 18.05
CA HIS C 86 14.62 -24.92 18.90
C HIS C 86 15.86 -25.16 18.06
N PHE C 87 16.65 -24.11 17.89
CA PHE C 87 17.88 -24.21 17.14
C PHE C 87 18.98 -24.60 18.10
N PRO C 88 19.74 -25.65 17.77
CA PRO C 88 20.83 -26.08 18.62
C PRO C 88 22.00 -25.09 18.59
N PRO C 89 22.95 -25.22 19.53
CA PRO C 89 24.00 -24.22 19.63
C PRO C 89 25.00 -24.28 18.49
N ASP C 90 25.15 -25.44 17.84
CA ASP C 90 26.06 -25.60 16.68
C ASP C 90 25.34 -25.71 15.33
N TYR C 91 24.21 -25.02 15.22
CA TYR C 91 23.57 -24.78 13.94
C TYR C 91 24.55 -24.01 13.08
N PRO C 92 24.75 -24.40 11.81
CA PRO C 92 23.87 -25.29 11.08
C PRO C 92 24.34 -26.71 10.96
N PHE C 93 25.29 -27.13 11.78
CA PHE C 93 25.87 -28.45 11.54
C PHE C 93 24.96 -29.54 12.06
N LYS C 94 24.07 -29.14 12.98
CA LYS C 94 22.97 -29.99 13.47
C LYS C 94 21.59 -29.37 13.23
N PRO C 95 20.58 -30.23 12.97
CA PRO C 95 19.26 -29.75 12.64
C PRO C 95 18.52 -29.10 13.80
N PRO C 96 17.46 -28.35 13.49
CA PRO C 96 16.68 -27.75 14.56
C PRO C 96 15.76 -28.80 15.12
N LYS C 97 15.26 -28.57 16.32
CA LYS C 97 14.25 -29.42 16.91
C LYS C 97 12.88 -28.79 16.59
N VAL C 98 11.94 -29.58 16.10
CA VAL C 98 10.68 -29.06 15.61
C VAL C 98 9.50 -29.95 16.04
N ALA C 99 8.68 -29.43 16.97
CA ALA C 99 7.42 -30.07 17.39
C ALA C 99 6.17 -29.29 16.95
N PHE C 100 5.18 -30.00 16.39
CA PHE C 100 3.80 -29.49 16.30
C PHE C 100 3.19 -29.22 17.66
N ARG C 101 2.53 -28.08 17.83
CA ARG C 101 1.73 -27.77 19.03
C ARG C 101 0.23 -27.96 18.84
N THR C 102 -0.23 -28.07 17.60
CA THR C 102 -1.61 -28.29 17.25
C THR C 102 -1.79 -29.76 16.97
N LYS C 103 -2.95 -30.29 17.32
CA LYS C 103 -3.26 -31.69 17.05
C LYS C 103 -3.51 -31.91 15.58
N VAL C 104 -2.90 -32.98 15.07
CA VAL C 104 -3.09 -33.47 13.70
C VAL C 104 -3.25 -34.98 13.59
N PHE C 105 -4.05 -35.41 12.64
CA PHE C 105 -4.13 -36.80 12.37
C PHE C 105 -3.14 -37.15 11.27
N HIS C 106 -1.98 -37.65 11.65
CA HIS C 106 -0.90 -37.88 10.69
C HIS C 106 0.06 -39.00 11.10
N PRO C 107 0.34 -39.93 10.16
CA PRO C 107 1.21 -41.08 10.40
C PRO C 107 2.52 -40.72 11.02
N ASN C 108 3.08 -39.59 10.61
CA ASN C 108 4.43 -39.20 11.05
C ASN C 108 4.48 -38.10 12.07
N ILE C 109 3.34 -37.84 12.72
CA ILE C 109 3.28 -36.87 13.82
C ILE C 109 2.39 -37.42 14.93
N ASN C 110 2.93 -37.45 16.14
CA ASN C 110 2.29 -38.17 17.25
C ASN C 110 1.55 -37.24 18.24
N SER C 111 0.90 -37.80 19.27
CA SER C 111 0.10 -37.02 20.23
C SER C 111 0.86 -35.89 20.86
N ASN C 112 2.19 -35.94 20.87
CA ASN C 112 3.03 -34.85 21.42
C ASN C 112 3.72 -33.97 20.39
N GLY C 113 3.22 -34.03 19.16
CA GLY C 113 3.73 -33.17 18.10
C GLY C 113 5.20 -33.41 17.76
N SER C 114 5.62 -34.66 17.87
CA SER C 114 6.90 -35.03 17.36
C SER C 114 6.71 -35.35 15.91
N ILE C 115 7.69 -34.97 15.09
CA ILE C 115 7.59 -35.14 13.65
C ILE C 115 8.64 -36.15 13.22
N CYS C 116 8.25 -37.08 12.37
CA CYS C 116 9.21 -37.95 11.70
C CYS C 116 9.50 -37.45 10.27
N LEU C 117 10.60 -36.72 10.17
CA LEU C 117 10.94 -36.01 8.96
C LEU C 117 12.42 -36.25 8.60
N ASP C 118 12.64 -36.96 7.48
CA ASP C 118 13.97 -37.15 6.87
C ASP C 118 15.02 -36.06 7.15
N ILE C 119 14.66 -34.80 6.89
CA ILE C 119 15.69 -33.78 6.77
C ILE C 119 16.01 -33.19 8.11
N LEU C 120 15.31 -33.70 9.12
CA LEU C 120 15.72 -33.46 10.49
C LEU C 120 16.62 -34.56 11.00
N LYS C 121 16.63 -35.67 10.26
CA LYS C 121 17.47 -36.83 10.57
C LYS C 121 18.58 -36.96 9.53
N GLU C 122 18.62 -38.09 8.84
CA GLU C 122 19.80 -38.39 8.04
C GLU C 122 20.07 -37.47 6.86
N GLN C 123 19.07 -36.69 6.42
CA GLN C 123 19.25 -35.77 5.30
C GLN C 123 19.50 -34.35 5.70
N TRP C 124 19.73 -34.09 6.98
CA TRP C 124 20.06 -32.74 7.34
C TRP C 124 21.29 -32.38 6.58
N SER C 125 21.42 -31.12 6.19
CA SER C 125 22.61 -30.64 5.55
C SER C 125 22.73 -29.21 6.02
N PRO C 126 23.95 -28.66 6.08
CA PRO C 126 24.01 -27.28 6.61
C PRO C 126 23.67 -26.26 5.52
N ALA C 127 23.52 -26.75 4.30
CA ALA C 127 22.92 -26.00 3.20
C ALA C 127 21.50 -25.60 3.52
N LEU C 128 20.76 -26.51 4.19
CA LEU C 128 19.35 -26.29 4.48
C LEU C 128 19.09 -25.15 5.47
N THR C 129 17.88 -24.60 5.39
CA THR C 129 17.45 -23.47 6.22
C THR C 129 16.11 -23.78 6.83
N ILE C 130 15.74 -23.00 7.84
CA ILE C 130 14.51 -23.27 8.54
C ILE C 130 13.32 -23.20 7.58
N SER C 131 13.34 -22.26 6.63
CA SER C 131 12.31 -22.24 5.59
C SER C 131 12.16 -23.58 4.91
N LYS C 132 13.29 -24.09 4.44
CA LYS C 132 13.36 -25.34 3.70
C LYS C 132 12.77 -26.45 4.58
N VAL C 133 13.11 -26.42 5.86
CA VAL C 133 12.52 -27.36 6.81
C VAL C 133 10.97 -27.23 6.87
N LEU C 134 10.50 -26.05 7.28
CA LEU C 134 9.10 -25.71 7.27
C LEU C 134 8.43 -26.19 5.98
N LEU C 135 9.00 -25.89 4.83
CA LEU C 135 8.40 -26.36 3.60
C LEU C 135 8.31 -27.87 3.54
N SER C 136 9.32 -28.57 4.05
CA SER C 136 9.27 -30.04 4.01
C SER C 136 8.10 -30.61 4.79
N ILE C 137 7.88 -30.03 5.97
CA ILE C 137 6.69 -30.33 6.75
C ILE C 137 5.41 -30.21 5.90
N CYS C 138 5.25 -29.08 5.20
CA CYS C 138 4.11 -28.96 4.29
C CYS C 138 4.05 -30.12 3.35
N SER C 139 5.16 -30.50 2.72
CA SER C 139 5.14 -31.63 1.78
C SER C 139 4.72 -32.90 2.48
N LEU C 140 5.14 -33.03 3.74
CA LEU C 140 4.76 -34.17 4.55
C LEU C 140 3.24 -34.24 4.73
N LEU C 141 2.64 -33.11 5.06
CA LEU C 141 1.19 -33.05 5.18
C LEU C 141 0.52 -33.55 3.92
N THR C 142 1.07 -33.29 2.75
CA THR C 142 0.35 -33.71 1.54
C THR C 142 0.77 -35.11 1.11
N ASP C 143 1.95 -35.54 1.53
CA ASP C 143 2.47 -36.89 1.21
C ASP C 143 3.16 -37.51 2.40
N PRO C 144 2.40 -38.27 3.21
CA PRO C 144 2.92 -38.94 4.41
C PRO C 144 3.72 -40.18 4.05
N ASN C 145 4.56 -40.67 4.97
CA ASN C 145 5.34 -41.91 4.77
C ASN C 145 4.93 -42.94 5.77
N PRO C 146 3.95 -43.77 5.40
CA PRO C 146 3.43 -44.74 6.33
C PRO C 146 4.50 -45.76 6.76
N ASP C 147 5.49 -45.99 5.90
CA ASP C 147 6.55 -46.96 6.20
C ASP C 147 7.64 -46.36 7.09
N ASP C 148 7.34 -45.25 7.76
CA ASP C 148 8.28 -44.69 8.71
C ASP C 148 7.49 -44.08 9.86
N PRO C 149 6.51 -44.84 10.36
CA PRO C 149 5.42 -44.28 11.13
C PRO C 149 5.86 -43.95 12.52
N LEU C 150 5.13 -43.03 13.11
CA LEU C 150 5.30 -42.65 14.49
C LEU C 150 4.01 -42.95 15.25
N VAL C 151 3.00 -43.45 14.53
CA VAL C 151 1.64 -43.63 15.03
C VAL C 151 1.00 -44.73 14.19
N PRO C 152 1.13 -45.98 14.66
CA PRO C 152 0.86 -47.07 13.72
C PRO C 152 -0.61 -47.30 13.35
N GLU C 153 -1.55 -46.99 14.25
CA GLU C 153 -2.96 -47.04 13.85
C GLU C 153 -3.22 -46.16 12.63
N ILE C 154 -2.60 -44.97 12.61
CA ILE C 154 -2.83 -44.02 11.51
C ILE C 154 -2.10 -44.50 10.26
N ALA C 155 -0.85 -44.95 10.43
CA ALA C 155 -0.11 -45.47 9.29
C ALA C 155 -0.84 -46.66 8.69
N HIS C 156 -1.36 -47.51 9.57
CA HIS C 156 -2.13 -48.64 9.11
C HIS C 156 -3.41 -48.17 8.42
N MET C 157 -4.16 -47.27 9.06
CA MET C 157 -5.39 -46.76 8.45
C MET C 157 -5.12 -46.14 7.08
N TYR C 158 -3.96 -45.48 6.97
CA TYR C 158 -3.59 -44.81 5.74
C TYR C 158 -3.31 -45.81 4.61
N LYS C 159 -2.44 -46.77 4.88
CA LYS C 159 -2.09 -47.85 3.93
C LYS C 159 -3.31 -48.69 3.54
N THR C 160 -4.19 -48.90 4.51
CA THR C 160 -5.26 -49.91 4.48
C THR C 160 -6.55 -49.30 3.92
N ASP C 161 -6.89 -48.12 4.42
CA ASP C 161 -8.21 -47.53 4.20
C ASP C 161 -8.02 -46.02 4.12
N ARG C 162 -7.48 -45.58 2.99
CA ARG C 162 -7.02 -44.21 2.78
C ARG C 162 -8.17 -43.19 2.91
N ALA C 163 -9.31 -43.52 2.29
CA ALA C 163 -10.48 -42.64 2.29
C ALA C 163 -10.93 -42.28 3.69
N LYS C 164 -10.64 -43.15 4.65
CA LYS C 164 -11.03 -42.90 6.01
C LYS C 164 -10.00 -41.97 6.62
N TYR C 165 -8.71 -42.29 6.43
CA TYR C 165 -7.63 -41.38 6.83
C TYR C 165 -7.94 -39.98 6.31
N GLU C 166 -8.34 -39.88 5.04
CA GLU C 166 -8.64 -38.58 4.46
C GLU C 166 -9.73 -37.94 5.29
N ALA C 167 -10.76 -38.72 5.59
CA ALA C 167 -11.91 -38.18 6.26
C ALA C 167 -11.55 -37.70 7.67
N THR C 168 -10.63 -38.39 8.32
CA THR C 168 -10.48 -38.24 9.76
C THR C 168 -9.83 -36.94 10.22
N ALA C 169 -8.81 -36.46 9.53
CA ALA C 169 -8.62 -35.00 9.43
C ALA C 169 -8.48 -35.00 7.99
N ARG C 170 -9.11 -34.09 7.24
CA ARG C 170 -10.27 -33.22 7.51
C ARG C 170 -10.91 -32.94 8.90
N ASN C 171 -11.52 -33.91 9.56
CA ASN C 171 -12.27 -33.59 10.76
C ASN C 171 -11.41 -32.96 11.83
N TRP C 172 -10.29 -33.59 12.14
CA TRP C 172 -9.36 -33.06 13.12
C TRP C 172 -8.80 -31.68 12.71
N THR C 173 -8.73 -31.42 11.41
CA THR C 173 -8.30 -30.13 10.94
C THR C 173 -9.32 -29.09 11.42
N GLN C 174 -10.62 -29.38 11.19
CA GLN C 174 -11.73 -28.52 11.66
C GLN C 174 -11.74 -28.36 13.16
N LYS C 175 -11.78 -29.47 13.90
CA LYS C 175 -11.76 -29.39 15.36
C LYS C 175 -10.62 -28.53 15.85
N TYR C 176 -9.39 -28.89 15.50
CA TYR C 176 -8.21 -28.40 16.24
C TYR C 176 -7.40 -27.30 15.55
N ALA C 177 -7.62 -27.13 14.24
CA ALA C 177 -6.77 -26.22 13.43
C ALA C 177 -7.51 -25.03 12.73
N MET C 178 -8.58 -24.54 13.35
CA MET C 178 -9.43 -23.51 12.75
C MET C 178 -9.97 -22.53 13.81
N GLY C 179 -10.81 -21.58 13.39
CA GLY C 179 -11.23 -20.50 14.29
C GLY C 179 -10.07 -19.69 14.86
N GLU D 23 2.20 12.27 14.56
CA GLU D 23 2.31 11.97 16.02
C GLU D 23 2.69 10.50 16.33
N GLU D 24 2.22 9.54 15.52
CA GLU D 24 2.41 8.08 15.77
C GLU D 24 3.54 7.47 14.93
N GLU D 25 3.74 6.15 15.07
CA GLU D 25 4.60 5.41 14.15
C GLU D 25 3.73 4.78 13.04
N SER D 26 4.32 4.70 11.85
CA SER D 26 3.66 4.09 10.70
C SER D 26 4.47 2.91 10.16
N ILE D 27 3.78 1.90 9.62
CA ILE D 27 4.47 0.77 8.98
C ILE D 27 3.73 0.28 7.76
N ASP D 28 4.50 -0.34 6.87
CA ASP D 28 3.97 -0.82 5.60
C ASP D 28 3.80 -2.33 5.61
N ILE D 29 2.61 -2.78 5.24
CA ILE D 29 2.28 -4.19 5.28
C ILE D 29 1.85 -4.63 3.90
N LYS D 30 2.41 -5.71 3.38
CA LYS D 30 1.70 -6.41 2.31
C LYS D 30 1.21 -7.75 2.76
N PHE D 31 0.17 -8.25 2.10
CA PHE D 31 -0.58 -9.39 2.62
C PHE D 31 -0.41 -10.57 1.70
N ARG D 32 0.16 -11.64 2.23
CA ARG D 32 0.42 -12.83 1.45
C ARG D 32 -0.76 -13.76 1.48
N LEU D 33 -1.13 -14.24 0.30
CA LEU D 33 -2.36 -15.01 0.11
C LEU D 33 -2.06 -16.46 -0.24
N TYR D 34 -3.04 -17.33 -0.03
CA TYR D 34 -2.88 -18.77 -0.25
C TYR D 34 -2.25 -19.07 -1.60
N ASP D 35 -2.72 -18.33 -2.59
CA ASP D 35 -2.26 -18.34 -3.99
C ASP D 35 -0.74 -18.20 -4.17
N GLY D 36 -0.12 -17.40 -3.32
CA GLY D 36 1.25 -16.98 -3.53
C GLY D 36 1.32 -15.52 -3.96
N SER D 37 0.19 -15.00 -4.42
CA SER D 37 0.04 -13.59 -4.73
C SER D 37 -0.01 -12.79 -3.44
N ASP D 38 0.46 -11.55 -3.47
CA ASP D 38 0.13 -10.63 -2.38
C ASP D 38 -0.57 -9.36 -2.86
N ILE D 39 -1.11 -8.63 -1.90
CA ILE D 39 -1.71 -7.33 -2.14
C ILE D 39 -1.20 -6.34 -1.12
N GLY D 40 -1.04 -5.10 -1.57
CA GLY D 40 -0.29 -4.10 -0.82
C GLY D 40 0.90 -3.76 -1.69
N PRO D 41 1.85 -2.98 -1.18
CA PRO D 41 1.90 -2.59 0.22
C PRO D 41 0.86 -1.52 0.59
N PHE D 42 0.63 -1.36 1.87
CA PHE D 42 -0.34 -0.43 2.39
C PHE D 42 0.25 0.17 3.64
N ARG D 43 0.02 1.46 3.88
CA ARG D 43 0.62 2.11 5.04
C ARG D 43 -0.44 2.20 6.12
N TYR D 44 -0.05 1.88 7.34
CA TYR D 44 -0.98 1.90 8.48
C TYR D 44 -0.20 2.49 9.63
N SER D 45 -0.88 2.78 10.73
CA SER D 45 -0.18 3.23 11.92
C SER D 45 -0.14 2.14 12.98
N ALA D 46 0.82 2.22 13.90
CA ALA D 46 0.91 1.30 15.03
C ALA D 46 -0.40 1.26 15.80
N ALA D 47 -1.15 2.34 15.71
CA ALA D 47 -2.45 2.43 16.37
C ALA D 47 -3.58 1.67 15.63
N SER D 48 -3.36 1.28 14.38
CA SER D 48 -4.38 0.53 13.64
C SER D 48 -4.60 -0.84 14.29
N THR D 49 -5.86 -1.28 14.34
CA THR D 49 -6.16 -2.59 14.86
C THR D 49 -6.02 -3.66 13.79
N VAL D 50 -5.86 -4.91 14.24
CA VAL D 50 -5.87 -6.05 13.35
C VAL D 50 -7.24 -6.09 12.67
N ASP D 51 -8.26 -5.93 13.51
CA ASP D 51 -9.63 -5.87 13.06
C ASP D 51 -9.73 -5.01 11.81
N PHE D 52 -9.07 -3.84 11.86
CA PHE D 52 -9.05 -2.92 10.73
C PHE D 52 -8.34 -3.56 9.56
N LEU D 53 -7.14 -4.08 9.80
CA LEU D 53 -6.36 -4.70 8.75
C LEU D 53 -7.20 -5.73 8.00
N LYS D 54 -7.97 -6.53 8.73
CA LYS D 54 -8.73 -7.60 8.12
C LYS D 54 -9.78 -7.06 7.16
N GLN D 55 -10.54 -6.05 7.61
CA GLN D 55 -11.52 -5.34 6.76
C GLN D 55 -10.91 -4.87 5.43
N ARG D 56 -9.72 -4.29 5.53
CA ARG D 56 -8.95 -3.89 4.36
C ARG D 56 -8.68 -5.08 3.42
N VAL D 57 -8.46 -6.26 4.01
CA VAL D 57 -8.22 -7.48 3.22
C VAL D 57 -9.47 -7.95 2.52
N VAL D 58 -10.57 -7.99 3.26
CA VAL D 58 -11.85 -8.37 2.65
C VAL D 58 -12.14 -7.49 1.45
N SER D 59 -11.93 -6.18 1.64
CA SER D 59 -12.17 -5.16 0.60
C SER D 59 -11.29 -5.32 -0.62
N ASP D 60 -9.97 -5.26 -0.47
CA ASP D 60 -9.09 -5.27 -1.64
C ASP D 60 -8.94 -6.68 -2.21
N TRP D 61 -9.71 -7.64 -1.70
CA TRP D 61 -9.57 -9.01 -2.14
C TRP D 61 -9.63 -9.10 -3.65
N PRO D 62 -8.55 -9.56 -4.30
CA PRO D 62 -8.55 -9.58 -5.76
C PRO D 62 -9.59 -10.54 -6.35
N LYS D 63 -9.77 -10.46 -7.67
CA LYS D 63 -10.84 -11.18 -8.34
C LYS D 63 -10.31 -12.52 -8.83
N GLY D 64 -11.21 -13.46 -9.09
CA GLY D 64 -10.86 -14.73 -9.71
C GLY D 64 -10.09 -15.70 -8.80
N LYS D 65 -10.36 -15.64 -7.51
CA LYS D 65 -9.77 -16.58 -6.57
C LYS D 65 -10.75 -17.71 -6.29
N THR D 66 -10.24 -18.93 -6.22
CA THR D 66 -11.08 -20.06 -5.84
C THR D 66 -11.68 -19.86 -4.45
N VAL D 67 -11.15 -18.90 -3.68
CA VAL D 67 -11.67 -18.59 -2.36
C VAL D 67 -11.79 -17.08 -2.21
N VAL D 68 -12.85 -16.65 -1.54
CA VAL D 68 -13.12 -15.24 -1.29
C VAL D 68 -13.66 -15.02 0.13
N PRO D 69 -12.95 -14.26 0.95
CA PRO D 69 -13.50 -14.08 2.30
C PRO D 69 -14.75 -13.23 2.22
N LYS D 70 -15.83 -13.70 2.82
CA LYS D 70 -17.09 -12.98 2.76
C LYS D 70 -17.03 -11.84 3.76
N GLY D 71 -16.53 -12.15 4.95
CA GLY D 71 -16.45 -11.19 6.03
C GLY D 71 -15.11 -11.21 6.75
N ILE D 72 -15.12 -10.59 7.92
CA ILE D 72 -13.93 -10.30 8.70
C ILE D 72 -13.67 -11.48 9.63
N ASN D 73 -14.75 -12.10 10.11
CA ASN D 73 -14.65 -13.27 10.95
C ASN D 73 -14.18 -14.49 10.14
N GLU D 74 -13.98 -14.36 8.83
CA GLU D 74 -13.48 -15.46 7.99
C GLU D 74 -11.99 -15.33 7.59
N VAL D 75 -11.26 -14.36 8.17
CA VAL D 75 -9.84 -14.22 7.81
C VAL D 75 -8.92 -14.17 9.03
N LYS D 76 -7.88 -15.00 9.00
CA LYS D 76 -6.87 -15.01 10.05
C LYS D 76 -5.60 -14.37 9.51
N LEU D 77 -4.99 -13.51 10.33
CA LEU D 77 -3.75 -12.87 9.98
C LEU D 77 -2.59 -13.40 10.79
N ILE D 78 -1.50 -13.70 10.10
CA ILE D 78 -0.34 -14.23 10.76
C ILE D 78 0.89 -13.40 10.47
N SER D 79 1.61 -13.06 11.53
CA SER D 79 2.86 -12.33 11.42
C SER D 79 3.87 -12.94 12.35
N SER D 80 5.10 -13.05 11.84
CA SER D 80 6.23 -13.76 12.45
C SER D 80 5.88 -14.98 13.29
N GLY D 81 5.10 -15.85 12.71
CA GLY D 81 4.81 -17.12 13.35
C GLY D 81 3.63 -17.05 14.28
N LYS D 82 3.23 -15.84 14.70
CA LYS D 82 2.07 -15.68 15.59
C LYS D 82 0.79 -15.31 14.85
N ILE D 83 -0.31 -15.93 15.26
CA ILE D 83 -1.65 -15.56 14.80
C ILE D 83 -2.08 -14.31 15.51
N LEU D 84 -2.36 -13.25 14.77
CA LEU D 84 -2.69 -11.96 15.38
C LEU D 84 -4.17 -11.95 15.72
N GLU D 85 -4.49 -11.52 16.93
CA GLU D 85 -5.87 -11.48 17.41
C GLU D 85 -6.46 -10.07 17.22
N ASN D 86 -7.74 -10.03 16.89
CA ASN D 86 -8.37 -8.80 16.37
C ASN D 86 -8.09 -7.56 17.19
N ASN D 87 -8.34 -7.66 18.48
CA ASN D 87 -8.45 -6.48 19.33
C ASN D 87 -7.12 -5.96 19.87
N LYS D 88 -6.02 -6.59 19.48
CA LYS D 88 -4.72 -5.97 19.65
C LYS D 88 -4.49 -4.99 18.48
N THR D 89 -3.44 -4.17 18.58
CA THR D 89 -3.05 -3.22 17.53
C THR D 89 -1.73 -3.64 16.91
N VAL D 90 -1.43 -3.13 15.73
CA VAL D 90 -0.13 -3.35 15.11
C VAL D 90 1.05 -3.07 16.06
N GLY D 91 0.95 -2.02 16.86
CA GLY D 91 2.01 -1.67 17.79
C GLY D 91 2.24 -2.72 18.85
N GLN D 92 1.16 -3.36 19.31
CA GLN D 92 1.25 -4.42 20.32
C GLN D 92 1.49 -5.79 19.70
N CYS D 93 1.34 -5.86 18.37
CA CYS D 93 1.83 -6.98 17.55
C CYS D 93 3.19 -6.59 16.96
N LYS D 94 4.11 -6.23 17.86
CA LYS D 94 5.48 -5.96 17.50
C LYS D 94 6.35 -6.86 18.39
N THR D 95 7.26 -7.60 17.77
CA THR D 95 8.25 -8.41 18.50
C THR D 95 9.62 -7.81 18.25
N PRO D 96 10.57 -8.06 19.16
CA PRO D 96 11.90 -7.47 19.00
C PRO D 96 12.54 -7.82 17.66
N PHE D 97 12.26 -9.02 17.16
CA PHE D 97 12.82 -9.45 15.89
C PHE D 97 11.78 -9.45 14.77
N GLY D 98 10.71 -8.67 14.93
CA GLY D 98 9.61 -8.64 13.95
C GLY D 98 9.93 -7.95 12.63
N ASP D 99 10.87 -7.01 12.63
CA ASP D 99 11.27 -6.36 11.39
C ASP D 99 12.74 -5.98 11.43
N ILE D 100 13.56 -7.01 11.28
CA ILE D 100 15.02 -6.87 11.23
C ILE D 100 15.45 -5.88 10.14
N ALA D 101 14.94 -6.04 8.92
CA ALA D 101 15.38 -5.17 7.82
C ALA D 101 14.94 -3.71 7.99
N GLY D 102 13.83 -3.48 8.68
CA GLY D 102 13.17 -2.18 8.68
C GLY D 102 11.92 -2.09 7.79
N GLY D 103 12.01 -2.61 6.55
CA GLY D 103 11.09 -2.25 5.46
C GLY D 103 9.65 -2.73 5.57
N VAL D 104 9.10 -3.18 4.44
CA VAL D 104 7.74 -3.73 4.41
C VAL D 104 7.64 -4.99 5.26
N ILE D 105 6.61 -5.09 6.07
CA ILE D 105 6.31 -6.31 6.81
C ILE D 105 5.27 -7.16 6.09
N VAL D 106 5.67 -8.35 5.65
CA VAL D 106 4.72 -9.31 5.08
C VAL D 106 3.93 -10.00 6.18
N MET D 107 2.61 -10.05 6.00
CA MET D 107 1.69 -10.80 6.86
C MET D 107 0.96 -11.84 6.02
N HIS D 108 0.53 -12.92 6.64
CA HIS D 108 -0.10 -14.01 5.90
C HIS D 108 -1.58 -13.99 6.20
N VAL D 109 -2.36 -14.19 5.14
CA VAL D 109 -3.80 -14.22 5.27
C VAL D 109 -4.27 -15.61 4.99
N VAL D 110 -5.04 -16.14 5.93
CA VAL D 110 -5.63 -17.44 5.76
C VAL D 110 -7.14 -17.30 5.83
N VAL D 111 -7.82 -17.79 4.79
CA VAL D 111 -9.27 -17.63 4.71
C VAL D 111 -9.98 -18.92 5.08
N GLN D 112 -10.58 -18.92 6.27
CA GLN D 112 -11.29 -20.08 6.81
C GLN D 112 -12.80 -19.89 6.76
N PRO D 113 -13.48 -20.41 5.72
CA PRO D 113 -14.92 -20.60 5.92
C PRO D 113 -15.11 -21.50 7.14
N SER D 114 -15.52 -20.92 8.26
CA SER D 114 -15.31 -21.58 9.57
C SER D 114 -16.64 -21.87 10.29
S SO4 E . -2.51 15.66 -14.98
O1 SO4 E . -3.43 14.49 -15.09
O2 SO4 E . -1.77 15.77 -16.28
O3 SO4 E . -1.60 15.50 -13.81
O4 SO4 E . -3.32 16.88 -14.74
S SO4 F . 7.14 -13.99 8.31
O1 SO4 F . 7.32 -15.33 7.69
O2 SO4 F . 5.70 -13.89 8.70
O3 SO4 F . 8.05 -13.82 9.48
O4 SO4 F . 7.47 -12.95 7.30
S SO4 G . 8.24 -25.12 23.82
O1 SO4 G . 6.84 -25.03 24.30
O2 SO4 G . 8.70 -26.54 23.70
O3 SO4 G . 9.12 -24.40 24.76
O4 SO4 G . 8.32 -24.49 22.48
S SO4 H . -4.82 -23.05 15.74
O1 SO4 H . -6.05 -23.82 16.10
O2 SO4 H . -3.60 -23.86 15.96
O3 SO4 H . -4.70 -21.85 16.60
O4 SO4 H . -4.92 -22.69 14.29
S SO4 I . 11.37 -17.81 25.03
O1 SO4 I . 10.13 -18.61 25.05
O2 SO4 I . 12.49 -18.67 25.47
O3 SO4 I . 11.20 -16.66 25.93
O4 SO4 I . 11.64 -17.24 23.67
S SO4 J . 5.32 -7.22 -4.81
O1 SO4 J . 4.66 -8.45 -5.29
O2 SO4 J . 6.80 -7.38 -4.88
O3 SO4 J . 4.88 -7.00 -3.41
O4 SO4 J . 4.96 -6.08 -5.69
#